data_3SNE
#
_entry.id   3SNE
#
_cell.length_a   108.910
_cell.length_b   81.360
_cell.length_c   53.400
_cell.angle_alpha   90.00
_cell.angle_beta   104.35
_cell.angle_gamma   90.00
#
_symmetry.space_group_name_H-M   'C 1 2 1'
#
loop_
_entity.id
_entity.type
_entity.pdbx_description
1 polymer '3C-like proteinase'
2 polymer 'Peptide aldehyde inhibitor Ac-ESTLQ-H'
3 non-polymer '2-(N-MORPHOLINO)-ETHANESULFONIC ACID'
4 water water
#
loop_
_entity_poly.entity_id
_entity_poly.type
_entity_poly.pdbx_seq_one_letter_code
_entity_poly.pdbx_strand_id
1 'polypeptide(L)'
;SGFRKMAFPSGKVEGCMVQVTCGTTTLNGLWLDDTVYCPRHVICTAEDMLNPNYEDLLIRKSNHSFLVQAGNVQLRVIGH
SMQNCLLRLKVDTSNPKTPKYKFVRIQPGQTFSVLACYNGSPSGVYQCAMRPNHTIKGSFLNGSCGSVGFNIDYDCVSFC
YMHHMELPTGVHAGTDLEGKFYGPFVDRQTAQAAGTDTTITLNVLAWLYAAVINGDRWFLNRFTTTLNDFNLVAMKYNYE
PLTQDHVDILGPLSAQTGIAVLDMCAALKELLQNGMNGRTILGSTILEDEFTPFDVVRQCSGVTFQ
;
A
2 'polypeptide(L)' (ACE)ESTL(ECC) H
#
loop_
_chem_comp.id
_chem_comp.type
_chem_comp.name
_chem_comp.formula
ACE non-polymer 'ACETYL GROUP' 'C2 H4 O'
MES non-polymer '2-(N-MORPHOLINO)-ETHANESULFONIC ACID' 'C6 H13 N O4 S'
#
# COMPACT_ATOMS: atom_id res chain seq x y z
N SER A 1 -25.01 -4.79 -5.96
CA SER A 1 -24.62 -5.85 -4.98
C SER A 1 -23.30 -6.44 -5.46
N GLY A 2 -22.66 -7.28 -4.64
CA GLY A 2 -21.28 -7.74 -4.97
C GLY A 2 -20.20 -6.99 -4.20
N PHE A 3 -19.02 -7.57 -4.12
CA PHE A 3 -17.98 -6.97 -3.32
C PHE A 3 -16.66 -7.46 -3.83
N ARG A 4 -15.91 -6.54 -4.43
CA ARG A 4 -14.61 -6.87 -5.02
C ARG A 4 -13.48 -6.03 -4.44
N LYS A 5 -12.26 -6.56 -4.58
CA LYS A 5 -11.07 -5.80 -4.23
C LYS A 5 -10.91 -4.75 -5.33
N MET A 6 -11.25 -3.52 -5.02
CA MET A 6 -11.41 -2.55 -6.08
C MET A 6 -10.31 -1.51 -5.98
N ALA A 7 -9.68 -1.17 -7.10
CA ALA A 7 -8.65 -0.15 -7.01
C ALA A 7 -9.17 1.13 -7.59
N PHE A 8 -8.44 2.21 -7.35
CA PHE A 8 -8.83 3.48 -7.87
C PHE A 8 -8.51 3.53 -9.35
N PRO A 9 -9.34 4.25 -10.11
CA PRO A 9 -9.00 4.45 -11.52
C PRO A 9 -7.62 5.09 -11.60
N SER A 10 -6.78 4.66 -12.53
CA SER A 10 -5.34 5.06 -12.56
C SER A 10 -4.93 6.15 -13.54
N GLY A 11 -5.86 6.69 -14.30
CA GLY A 11 -5.48 7.65 -15.35
C GLY A 11 -4.59 8.77 -14.82
N LYS A 12 -5.05 9.50 -13.81
CA LYS A 12 -4.32 10.67 -13.34
C LYS A 12 -2.91 10.32 -12.97
N VAL A 13 -2.67 9.08 -12.54
CA VAL A 13 -1.31 8.60 -12.27
C VAL A 13 -0.50 8.17 -13.50
N GLU A 14 -1.14 7.52 -14.46
CA GLU A 14 -0.43 7.15 -15.69
C GLU A 14 0.35 8.31 -16.31
N GLY A 15 -0.25 9.50 -16.35
CA GLY A 15 0.39 10.72 -16.86
C GLY A 15 1.60 11.28 -16.10
N CYS A 16 1.88 10.74 -14.93
CA CYS A 16 3.11 11.08 -14.22
C CYS A 16 4.17 9.99 -14.27
N MET A 17 4.01 8.94 -15.05
CA MET A 17 5.03 7.93 -14.99
C MET A 17 6.05 8.27 -16.00
N VAL A 18 7.32 8.13 -15.64
CA VAL A 18 8.45 8.26 -16.58
C VAL A 18 9.49 7.18 -16.26
N GLN A 19 10.51 7.11 -17.11
CA GLN A 19 11.61 6.16 -17.01
C GLN A 19 12.87 6.96 -16.61
N VAL A 20 13.76 6.37 -15.83
CA VAL A 20 14.93 7.07 -15.35
C VAL A 20 16.04 6.05 -15.45
N THR A 21 17.13 6.44 -16.11
CA THR A 21 18.29 5.57 -16.29
C THR A 21 19.53 6.24 -15.74
N CYS A 22 20.42 5.46 -15.13
CA CYS A 22 21.72 5.92 -14.64
C CYS A 22 22.68 4.75 -14.82
N GLY A 23 23.68 4.96 -15.65
CA GLY A 23 24.51 3.86 -16.09
C GLY A 23 23.64 2.86 -16.82
N THR A 24 23.61 1.64 -16.30
CA THR A 24 22.86 0.57 -16.91
C THR A 24 21.74 0.09 -15.95
N THR A 25 21.33 0.93 -14.99
CA THR A 25 20.17 0.64 -14.14
C THR A 25 19.05 1.53 -14.63
N THR A 26 17.90 0.90 -14.90
CA THR A 26 16.70 1.57 -15.33
C THR A 26 15.53 1.23 -14.43
N LEU A 27 14.86 2.27 -13.98
CA LEU A 27 13.67 2.09 -13.19
C LEU A 27 12.71 3.24 -13.48
N ASN A 28 11.58 3.26 -12.79
CA ASN A 28 10.54 4.25 -13.02
C ASN A 28 10.63 5.48 -12.11
N GLY A 29 10.15 6.63 -12.59
CA GLY A 29 10.01 7.78 -11.74
C GLY A 29 8.65 8.44 -11.87
N LEU A 30 8.35 9.36 -10.94
CA LEU A 30 7.09 10.10 -10.91
C LEU A 30 7.31 11.60 -11.12
N TRP A 31 6.67 12.13 -12.15
CA TRP A 31 6.90 13.50 -12.62
C TRP A 31 5.77 14.38 -12.19
N LEU A 32 5.98 15.14 -11.14
CA LEU A 32 5.02 16.16 -10.75
C LEU A 32 5.62 17.59 -10.90
N ASP A 33 4.84 18.47 -11.53
CA ASP A 33 5.30 19.84 -11.86
C ASP A 33 6.66 19.72 -12.57
N ASP A 34 7.70 20.34 -12.04
CA ASP A 34 9.02 20.19 -12.66
C ASP A 34 10.05 19.33 -11.90
N THR A 35 9.56 18.28 -11.25
CA THR A 35 10.39 17.39 -10.42
C THR A 35 10.04 15.95 -10.78
N VAL A 36 11.02 15.06 -10.74
CA VAL A 36 10.81 13.64 -10.99
C VAL A 36 11.37 12.99 -9.75
N TYR A 37 10.59 12.12 -9.09
CA TYR A 37 11.09 11.38 -7.95
C TYR A 37 11.37 9.96 -8.37
N CYS A 38 12.38 9.31 -7.77
CA CYS A 38 12.63 7.88 -7.96
C CYS A 38 13.49 7.31 -6.82
N PRO A 39 13.53 5.97 -6.65
CA PRO A 39 14.48 5.40 -5.65
C PRO A 39 15.94 5.81 -5.90
N ARG A 40 16.69 6.06 -4.86
CA ARG A 40 18.04 6.52 -5.01
C ARG A 40 18.96 5.42 -5.42
N HIS A 41 18.51 4.19 -5.36
CA HIS A 41 19.34 3.10 -5.74
C HIS A 41 19.45 2.97 -7.25
N VAL A 42 18.95 3.94 -7.94
CA VAL A 42 19.06 3.99 -9.36
C VAL A 42 20.58 4.33 -9.77
N ILE A 43 21.31 4.98 -8.86
CA ILE A 43 22.71 5.31 -9.08
C ILE A 43 23.67 4.17 -8.69
N CYS A 44 23.14 2.98 -8.42
CA CYS A 44 23.98 1.84 -8.01
C CYS A 44 24.16 0.84 -9.14
N THR A 45 25.34 0.22 -9.24
CA THR A 45 25.49 -1.01 -10.06
C THR A 45 25.29 -2.19 -9.15
N ALA A 46 25.08 -3.38 -9.71
CA ALA A 46 24.95 -4.62 -8.91
C ALA A 46 26.01 -4.85 -7.78
N GLU A 47 27.28 -4.54 -8.07
CA GLU A 47 28.36 -4.64 -7.06
C GLU A 47 28.13 -3.61 -5.91
N ASP A 48 27.71 -2.41 -6.29
CA ASP A 48 27.47 -1.34 -5.34
C ASP A 48 26.40 -1.72 -4.33
N MET A 49 25.39 -2.44 -4.83
CA MET A 49 24.16 -2.65 -4.08
CA MET A 49 24.14 -2.71 -4.13
C MET A 49 24.31 -3.40 -2.76
N LEU A 50 25.41 -4.12 -2.56
CA LEU A 50 25.62 -4.83 -1.27
C LEU A 50 26.08 -3.93 -0.12
N ASN A 51 26.91 -2.91 -0.40
CA ASN A 51 27.42 -2.02 0.65
C ASN A 51 27.41 -0.50 0.32
N PRO A 52 26.37 -0.03 -0.36
CA PRO A 52 26.43 1.33 -0.90
C PRO A 52 26.60 2.42 0.14
N ASN A 53 27.34 3.44 -0.25
CA ASN A 53 27.30 4.71 0.41
C ASN A 53 26.70 5.71 -0.58
N TYR A 54 25.55 6.25 -0.26
CA TYR A 54 24.82 7.04 -1.25
C TYR A 54 25.36 8.43 -1.31
N GLU A 55 25.74 8.95 -0.16
CA GLU A 55 26.27 10.31 -0.07
C GLU A 55 27.43 10.33 -1.06
N ASP A 56 28.28 9.31 -0.93
CA ASP A 56 29.51 9.20 -1.65
C ASP A 56 29.33 8.82 -3.11
N LEU A 57 28.36 7.95 -3.43
CA LEU A 57 28.09 7.61 -4.84
C LEU A 57 27.46 8.78 -5.59
N LEU A 58 26.69 9.62 -4.88
CA LEU A 58 25.93 10.68 -5.54
C LEU A 58 26.77 11.90 -5.97
N ILE A 59 27.72 12.33 -5.13
CA ILE A 59 28.70 13.40 -5.46
C ILE A 59 29.53 13.10 -6.72
N ARG A 60 29.73 11.80 -7.01
CA ARG A 60 30.34 11.31 -8.26
C ARG A 60 29.42 11.31 -9.47
N LYS A 61 28.31 12.06 -9.42
CA LYS A 61 27.35 12.20 -10.55
C LYS A 61 27.01 13.67 -10.82
N SER A 62 26.66 13.95 -12.06
CA SER A 62 26.17 15.27 -12.40
C SER A 62 24.76 15.11 -12.95
N ASN A 63 24.04 16.22 -13.13
CA ASN A 63 22.76 16.23 -13.84
C ASN A 63 22.78 15.36 -15.09
N HIS A 64 23.78 15.45 -15.93
CA HIS A 64 23.70 14.69 -17.18
C HIS A 64 24.08 13.23 -17.02
N SER A 65 24.35 12.80 -15.79
CA SER A 65 24.38 11.36 -15.53
C SER A 65 22.97 10.67 -15.56
N PHE A 66 21.91 11.49 -15.55
CA PHE A 66 20.54 11.00 -15.48
C PHE A 66 19.74 11.25 -16.77
N LEU A 67 19.24 10.17 -17.36
CA LEU A 67 18.37 10.19 -18.56
C LEU A 67 16.90 10.08 -18.17
N VAL A 68 16.07 11.06 -18.52
CA VAL A 68 14.64 10.95 -18.19
C VAL A 68 13.82 10.99 -19.46
N GLN A 69 13.23 9.84 -19.84
CA GLN A 69 12.29 9.77 -20.97
C GLN A 69 10.84 9.65 -20.51
N ALA A 70 9.97 10.46 -21.10
CA ALA A 70 8.52 10.40 -20.90
C ALA A 70 7.92 10.07 -22.25
N GLY A 71 7.53 8.81 -22.43
CA GLY A 71 7.08 8.32 -23.73
C GLY A 71 8.28 8.35 -24.63
N ASN A 72 8.25 9.25 -25.62
CA ASN A 72 9.39 9.50 -26.51
C ASN A 72 10.29 10.63 -26.04
N VAL A 73 9.67 11.75 -25.67
CA VAL A 73 10.38 13.00 -25.33
C VAL A 73 11.39 12.87 -24.16
N GLN A 74 12.64 13.23 -24.45
CA GLN A 74 13.74 13.31 -23.48
C GLN A 74 13.54 14.56 -22.62
N LEU A 75 13.63 14.39 -21.32
CA LEU A 75 13.55 15.54 -20.43
C LEU A 75 14.93 15.83 -19.87
N ARG A 76 15.30 17.10 -19.82
CA ARG A 76 16.66 17.41 -19.46
C ARG A 76 16.71 17.67 -17.99
N VAL A 77 17.69 17.07 -17.32
CA VAL A 77 17.88 17.23 -15.88
C VAL A 77 18.73 18.45 -15.58
N ILE A 78 18.26 19.31 -14.70
CA ILE A 78 18.95 20.55 -14.38
C ILE A 78 19.23 20.71 -12.89
N GLY A 79 19.13 19.61 -12.14
CA GLY A 79 19.21 19.65 -10.65
C GLY A 79 18.95 18.29 -10.03
N HIS A 80 19.58 18.02 -8.90
CA HIS A 80 19.42 16.74 -8.27
C HIS A 80 19.73 16.83 -6.79
N SER A 81 18.80 16.45 -5.94
CA SER A 81 19.13 16.29 -4.52
C SER A 81 18.74 14.89 -4.02
N MET A 82 19.40 14.43 -2.97
CA MET A 82 18.95 13.24 -2.29
C MET A 82 17.94 13.64 -1.22
N GLN A 83 16.88 12.87 -1.09
CA GLN A 83 15.96 13.00 0.01
C GLN A 83 15.64 11.69 0.65
N ASN A 84 16.27 11.46 1.76
CA ASN A 84 16.23 10.20 2.41
C ASN A 84 16.58 9.17 1.38
N CYS A 85 15.65 8.28 1.05
CA CYS A 85 15.92 7.15 0.16
C CYS A 85 15.29 7.36 -1.23
N LEU A 86 15.25 8.62 -1.65
CA LEU A 86 14.78 9.03 -2.95
C LEU A 86 15.70 10.07 -3.53
N LEU A 87 15.61 10.26 -4.85
CA LEU A 87 16.27 11.39 -5.51
C LEU A 87 15.21 12.36 -5.97
N ARG A 88 15.58 13.64 -6.06
CA ARG A 88 14.70 14.60 -6.73
C ARG A 88 15.38 15.29 -7.89
N LEU A 89 14.83 15.12 -9.09
CA LEU A 89 15.46 15.64 -10.27
C LEU A 89 14.63 16.82 -10.77
N LYS A 90 15.21 18.02 -10.76
CA LYS A 90 14.53 19.13 -11.40
C LYS A 90 14.79 18.99 -12.90
N VAL A 91 13.75 19.17 -13.70
CA VAL A 91 13.85 19.04 -15.14
C VAL A 91 13.38 20.35 -15.75
N ASP A 92 13.56 20.48 -17.07
CA ASP A 92 13.25 21.72 -17.82
C ASP A 92 11.75 21.88 -18.19
N THR A 93 10.97 20.80 -18.21
CA THR A 93 9.54 20.93 -18.48
C THR A 93 8.70 20.70 -17.23
N SER A 94 7.62 21.45 -17.08
CA SER A 94 6.68 21.18 -16.03
C SER A 94 5.67 20.24 -16.66
N ASN A 95 5.20 19.23 -15.93
CA ASN A 95 4.34 18.18 -16.51
C ASN A 95 2.95 18.69 -16.79
N PRO A 96 2.60 18.79 -18.08
CA PRO A 96 1.28 19.36 -18.43
C PRO A 96 0.12 18.54 -17.82
N LYS A 97 0.45 17.34 -17.33
CA LYS A 97 -0.55 16.38 -16.84
C LYS A 97 -0.50 16.24 -15.33
N THR A 98 0.28 17.10 -14.67
CA THR A 98 0.27 17.14 -13.20
C THR A 98 -1.14 17.31 -12.60
N PRO A 99 -1.63 16.32 -11.84
CA PRO A 99 -2.96 16.48 -11.22
C PRO A 99 -2.87 17.16 -9.87
N LYS A 100 -4.01 17.61 -9.35
CA LYS A 100 -4.06 18.06 -7.97
C LYS A 100 -3.52 16.87 -7.15
N TYR A 101 -2.66 17.12 -6.18
CA TYR A 101 -2.08 16.02 -5.40
C TYR A 101 -1.45 16.44 -4.09
N LYS A 102 -1.14 15.46 -3.24
CA LYS A 102 -0.43 15.66 -2.00
C LYS A 102 0.29 14.38 -1.66
N PHE A 103 1.23 14.46 -0.73
CA PHE A 103 1.91 13.28 -0.19
C PHE A 103 1.48 13.08 1.25
N VAL A 104 1.11 11.84 1.59
CA VAL A 104 0.78 11.45 2.95
C VAL A 104 1.56 10.19 3.31
N ARG A 105 1.91 10.05 4.58
CA ARG A 105 2.46 8.79 5.07
C ARG A 105 1.27 7.99 5.53
N ILE A 106 1.18 6.70 5.19
CA ILE A 106 0.03 5.95 5.70
C ILE A 106 0.36 5.05 6.86
N GLN A 107 -0.67 4.65 7.56
CA GLN A 107 -0.51 3.85 8.75
C GLN A 107 -0.79 2.40 8.42
N PRO A 108 -0.14 1.48 9.16
CA PRO A 108 -0.43 0.07 8.93
C PRO A 108 -1.91 -0.18 8.96
N GLY A 109 -2.39 -1.10 8.11
CA GLY A 109 -3.79 -1.45 8.07
C GLY A 109 -4.46 -0.63 7.02
N GLN A 110 -3.88 0.52 6.65
CA GLN A 110 -4.52 1.33 5.63
C GLN A 110 -4.34 0.70 4.28
N THR A 111 -5.09 1.19 3.32
CA THR A 111 -5.17 0.55 2.06
C THR A 111 -4.88 1.52 0.90
N PHE A 112 -4.50 1.00 -0.27
CA PHE A 112 -4.16 1.81 -1.46
C PHE A 112 -4.00 1.02 -2.76
N SER A 113 -3.91 1.74 -3.87
CA SER A 113 -3.80 1.15 -5.20
C SER A 113 -2.34 1.32 -5.63
N VAL A 114 -1.88 0.38 -6.45
CA VAL A 114 -0.53 0.33 -6.94
C VAL A 114 -0.67 0.29 -8.43
N LEU A 115 0.14 1.09 -9.11
CA LEU A 115 0.23 1.03 -10.57
C LEU A 115 1.61 0.45 -10.88
N ALA A 116 1.59 -0.80 -11.33
CA ALA A 116 2.80 -1.52 -11.66
C ALA A 116 3.34 -0.99 -13.00
N CYS A 117 4.61 -0.57 -13.03
CA CYS A 117 5.23 -0.07 -14.25
C CYS A 117 6.52 -0.72 -14.56
N TYR A 118 6.77 -0.96 -15.83
CA TYR A 118 8.14 -1.29 -16.28
C TYR A 118 8.59 -0.33 -17.37
N ASN A 119 9.86 0.09 -17.31
CA ASN A 119 10.45 1.09 -18.26
C ASN A 119 9.57 2.32 -18.50
N GLY A 120 9.00 2.87 -17.42
CA GLY A 120 8.11 4.07 -17.45
C GLY A 120 6.72 3.82 -18.04
N SER A 121 6.40 2.55 -18.22
CA SER A 121 5.22 2.16 -18.98
C SER A 121 4.25 1.33 -18.10
N PRO A 122 3.18 1.98 -17.59
CA PRO A 122 2.16 1.31 -16.76
C PRO A 122 1.72 -0.05 -17.33
N SER A 123 1.84 -1.14 -16.55
CA SER A 123 1.40 -2.47 -17.01
C SER A 123 0.12 -2.94 -16.29
N GLY A 124 -0.08 -2.60 -15.01
CA GLY A 124 -1.33 -2.96 -14.35
C GLY A 124 -1.68 -2.22 -13.07
N VAL A 125 -2.92 -2.37 -12.62
CA VAL A 125 -3.36 -1.78 -11.36
C VAL A 125 -4.03 -2.83 -10.44
N TYR A 126 -3.65 -2.80 -9.16
CA TYR A 126 -4.25 -3.63 -8.14
C TYR A 126 -4.30 -2.97 -6.72
N GLN A 127 -5.11 -3.56 -5.85
CA GLN A 127 -5.37 -2.98 -4.56
C GLN A 127 -4.65 -3.68 -3.43
N CYS A 128 -4.03 -2.91 -2.55
CA CYS A 128 -3.15 -3.40 -1.52
C CYS A 128 -3.52 -2.92 -0.14
N ALA A 129 -3.02 -3.64 0.87
CA ALA A 129 -3.02 -3.09 2.24
C ALA A 129 -1.58 -2.96 2.76
N MET A 130 -1.27 -1.88 3.49
CA MET A 130 -0.01 -1.80 4.23
C MET A 130 -0.09 -2.78 5.41
N ARG A 131 0.72 -3.83 5.42
CA ARG A 131 0.61 -4.83 6.49
C ARG A 131 1.12 -4.32 7.83
N PRO A 132 0.68 -4.90 8.94
CA PRO A 132 1.27 -4.52 10.23
C PRO A 132 2.80 -4.60 10.28
N ASN A 133 3.40 -5.61 9.68
CA ASN A 133 4.85 -5.69 9.65
C ASN A 133 5.44 -4.79 8.55
N HIS A 134 4.63 -3.89 8.02
CA HIS A 134 5.09 -2.82 7.09
C HIS A 134 5.49 -3.26 5.67
N THR A 135 5.13 -4.49 5.27
CA THR A 135 5.36 -4.98 3.93
C THR A 135 4.07 -4.87 3.15
N ILE A 136 4.10 -5.21 1.87
CA ILE A 136 2.89 -5.32 1.11
C ILE A 136 3.01 -6.62 0.36
N LYS A 137 1.88 -7.25 0.04
CA LYS A 137 1.90 -8.51 -0.74
C LYS A 137 1.60 -8.05 -2.12
N GLY A 138 2.59 -7.45 -2.76
CA GLY A 138 2.42 -6.96 -4.07
C GLY A 138 2.68 -8.02 -5.10
N SER A 139 2.76 -7.58 -6.34
CA SER A 139 3.21 -8.38 -7.44
C SER A 139 4.16 -7.52 -8.26
N PHE A 140 5.44 -7.82 -8.19
CA PHE A 140 6.44 -6.99 -8.82
C PHE A 140 7.53 -7.85 -9.41
N LEU A 141 7.96 -7.51 -10.63
CA LEU A 141 9.15 -8.13 -11.21
C LEU A 141 10.29 -7.13 -11.11
N ASN A 142 11.47 -7.56 -11.58
CA ASN A 142 12.62 -6.66 -11.79
C ASN A 142 12.25 -5.54 -12.77
N GLY A 143 12.73 -4.35 -12.47
CA GLY A 143 12.34 -3.12 -13.16
C GLY A 143 11.06 -2.44 -12.68
N SER A 144 10.43 -2.96 -11.63
CA SER A 144 9.19 -2.32 -11.13
C SER A 144 9.42 -1.16 -10.12
N CYS A 145 10.63 -1.06 -9.55
CA CYS A 145 10.97 0.02 -8.62
C CYS A 145 10.54 1.41 -9.13
N GLY A 146 10.04 2.28 -8.23
CA GLY A 146 9.46 3.56 -8.60
C GLY A 146 8.00 3.53 -9.00
N SER A 147 7.42 2.33 -9.02
CA SER A 147 5.95 2.15 -9.10
C SER A 147 5.32 2.71 -7.81
N VAL A 148 4.22 3.43 -7.95
CA VAL A 148 3.68 4.09 -6.81
C VAL A 148 2.29 3.61 -6.37
N GLY A 149 2.03 3.83 -5.07
CA GLY A 149 0.76 3.54 -4.44
C GLY A 149 0.03 4.83 -4.17
N PHE A 150 -1.29 4.77 -4.22
CA PHE A 150 -2.05 6.00 -4.06
C PHE A 150 -3.50 5.80 -3.70
N ASN A 151 -4.13 6.89 -3.28
CA ASN A 151 -5.58 7.00 -3.12
C ASN A 151 -6.11 8.23 -3.82
N ILE A 152 -7.37 8.20 -4.13
CA ILE A 152 -7.98 9.37 -4.65
C ILE A 152 -9.12 9.79 -3.80
N ASP A 153 -9.08 11.04 -3.37
CA ASP A 153 -10.13 11.62 -2.61
C ASP A 153 -10.65 12.77 -3.41
N TYR A 154 -11.67 12.52 -4.19
CA TYR A 154 -12.30 13.52 -4.99
C TYR A 154 -11.58 13.76 -6.28
N ASP A 155 -10.73 14.75 -6.29
CA ASP A 155 -10.05 15.18 -7.48
C ASP A 155 -8.58 15.08 -7.23
N CYS A 156 -8.28 14.78 -6.00
CA CYS A 156 -6.90 14.83 -5.47
C CYS A 156 -6.19 13.48 -5.25
N VAL A 157 -4.94 13.37 -5.72
CA VAL A 157 -4.17 12.11 -5.62
C VAL A 157 -3.29 12.14 -4.41
N SER A 158 -3.52 11.20 -3.49
CA SER A 158 -2.68 11.10 -2.31
C SER A 158 -1.60 10.08 -2.59
N PHE A 159 -0.37 10.50 -2.90
CA PHE A 159 0.71 9.54 -3.03
C PHE A 159 1.17 9.12 -1.65
N CYS A 160 1.20 7.80 -1.42
CA CYS A 160 1.69 7.27 -0.17
C CYS A 160 2.77 6.21 -0.29
N TYR A 161 3.06 5.70 -1.47
CA TYR A 161 4.09 4.63 -1.54
C TYR A 161 4.90 4.65 -2.82
N MET A 162 6.20 4.40 -2.65
CA MET A 162 7.08 4.12 -3.78
C MET A 162 7.83 2.80 -3.58
N HIS A 163 7.89 1.97 -4.63
CA HIS A 163 8.49 0.64 -4.53
C HIS A 163 10.00 0.74 -4.58
N HIS A 164 10.70 0.06 -3.65
CA HIS A 164 12.19 0.00 -3.67
C HIS A 164 12.74 -1.39 -3.76
N MET A 165 12.12 -2.38 -3.10
CA MET A 165 12.72 -3.70 -3.01
C MET A 165 11.81 -4.86 -2.61
N GLU A 166 12.33 -6.07 -2.80
CA GLU A 166 11.61 -7.28 -2.50
C GLU A 166 12.37 -8.10 -1.49
N LEU A 167 11.64 -8.60 -0.50
CA LEU A 167 12.23 -9.35 0.61
C LEU A 167 12.32 -10.83 0.26
N PRO A 168 13.08 -11.61 1.07
CA PRO A 168 13.18 -13.05 0.80
C PRO A 168 11.83 -13.78 0.86
N THR A 169 10.90 -13.28 1.66
CA THR A 169 9.55 -13.83 1.81
C THR A 169 8.83 -13.81 0.46
N GLY A 170 9.28 -12.94 -0.45
CA GLY A 170 8.49 -12.63 -1.65
C GLY A 170 7.58 -11.38 -1.56
N VAL A 171 7.69 -10.64 -0.46
CA VAL A 171 6.86 -9.46 -0.22
C VAL A 171 7.69 -8.20 -0.40
N HIS A 172 7.01 -7.05 -0.40
CA HIS A 172 7.62 -5.85 -0.90
C HIS A 172 7.74 -4.77 0.10
N ALA A 173 8.75 -3.93 -0.04
CA ALA A 173 9.10 -2.88 0.92
C ALA A 173 9.37 -1.64 0.11
N GLY A 174 9.04 -0.46 0.68
CA GLY A 174 9.24 0.78 -0.02
C GLY A 174 9.11 1.94 0.92
N THR A 175 8.57 3.01 0.44
CA THR A 175 8.78 4.29 0.98
C THR A 175 7.64 5.22 0.73
N ASP A 176 7.53 6.23 1.55
CA ASP A 176 6.64 7.31 1.28
C ASP A 176 7.37 8.24 0.33
N LEU A 177 6.67 9.20 -0.21
CA LEU A 177 7.21 10.12 -1.17
C LEU A 177 8.07 11.22 -0.62
N GLU A 178 8.58 10.97 0.57
CA GLU A 178 9.58 11.76 1.20
C GLU A 178 10.84 10.95 1.34
N GLY A 179 10.80 9.68 0.98
CA GLY A 179 11.98 8.85 1.07
C GLY A 179 12.12 8.03 2.33
N LYS A 180 11.21 8.21 3.27
CA LYS A 180 11.31 7.46 4.52
C LYS A 180 10.66 6.09 4.35
N PHE A 181 11.44 5.03 4.56
CA PHE A 181 10.89 3.70 4.48
C PHE A 181 9.71 3.52 5.40
N TYR A 182 8.81 2.61 4.99
CA TYR A 182 7.90 1.93 5.90
C TYR A 182 8.58 0.66 6.42
N GLY A 183 8.77 0.57 7.72
CA GLY A 183 9.40 -0.59 8.33
C GLY A 183 10.82 -0.25 8.69
N PRO A 184 11.57 -1.21 9.23
CA PRO A 184 12.97 -1.10 9.64
C PRO A 184 13.96 -1.39 8.52
N PHE A 185 13.47 -1.44 7.30
CA PHE A 185 14.27 -1.89 6.21
C PHE A 185 15.15 -0.73 5.70
N VAL A 186 16.19 -1.08 4.94
CA VAL A 186 17.14 -0.11 4.37
C VAL A 186 17.35 -0.51 2.92
N ASP A 187 17.71 0.44 2.04
CA ASP A 187 17.94 0.10 0.61
C ASP A 187 19.33 -0.48 0.32
N ARG A 188 19.58 -1.69 0.82
CA ARG A 188 20.80 -2.47 0.60
C ARG A 188 20.45 -3.96 0.37
N GLN A 189 21.22 -4.67 -0.45
CA GLN A 189 21.05 -6.15 -0.58
C GLN A 189 21.80 -6.83 0.57
N THR A 190 21.18 -6.87 1.74
CA THR A 190 21.69 -7.65 2.86
C THR A 190 20.62 -8.61 3.42
N ALA A 191 21.01 -9.36 4.46
CA ALA A 191 20.10 -10.18 5.24
C ALA A 191 19.09 -9.23 5.90
N GLN A 192 17.80 -9.49 5.69
CA GLN A 192 16.73 -8.56 6.07
C GLN A 192 15.55 -9.48 5.93
N ALA A 193 14.53 -9.29 6.75
CA ALA A 193 13.42 -10.27 6.80
C ALA A 193 12.21 -9.52 7.25
N ALA A 194 11.05 -9.92 6.76
CA ALA A 194 9.83 -9.36 7.34
C ALA A 194 9.78 -9.76 8.82
N GLY A 195 9.50 -8.80 9.69
CA GLY A 195 8.92 -9.17 10.99
C GLY A 195 7.66 -10.01 10.78
N THR A 196 7.32 -10.80 11.76
CA THR A 196 6.08 -11.58 11.71
C THR A 196 4.88 -10.59 11.60
N ASP A 197 3.83 -11.02 10.93
CA ASP A 197 2.68 -10.19 10.65
C ASP A 197 1.48 -10.63 11.55
N THR A 198 0.38 -9.91 11.44
CA THR A 198 -0.74 -10.09 12.33
C THR A 198 -1.90 -9.81 11.42
N THR A 199 -3.10 -10.29 11.76
CA THR A 199 -4.28 -10.02 10.94
C THR A 199 -4.87 -8.70 11.40
N ILE A 200 -5.38 -7.91 10.45
CA ILE A 200 -5.89 -6.57 10.74
C ILE A 200 -7.35 -6.66 11.24
N THR A 201 -7.45 -6.81 12.56
CA THR A 201 -8.77 -6.86 13.24
C THR A 201 -9.80 -5.81 12.79
N LEU A 202 -9.41 -4.55 12.70
CA LEU A 202 -10.36 -3.51 12.35
C LEU A 202 -11.05 -3.84 11.03
N ASN A 203 -10.25 -4.39 10.11
CA ASN A 203 -10.63 -4.63 8.71
C ASN A 203 -11.55 -5.84 8.60
N VAL A 204 -11.21 -6.87 9.35
CA VAL A 204 -12.03 -8.05 9.31
C VAL A 204 -13.47 -7.64 9.69
N LEU A 205 -13.58 -6.88 10.78
CA LEU A 205 -14.88 -6.38 11.24
C LEU A 205 -15.59 -5.49 10.22
N ALA A 206 -14.85 -4.60 9.57
CA ALA A 206 -15.39 -3.84 8.42
C ALA A 206 -16.05 -4.82 7.43
N TRP A 207 -15.36 -5.92 7.20
CA TRP A 207 -15.72 -6.83 6.11
C TRP A 207 -16.97 -7.65 6.50
N LEU A 208 -17.04 -8.01 7.77
CA LEU A 208 -18.28 -8.57 8.31
C LEU A 208 -19.44 -7.61 8.22
N TYR A 209 -19.23 -6.33 8.49
CA TYR A 209 -20.32 -5.36 8.29
C TYR A 209 -20.79 -5.30 6.83
N ALA A 210 -19.85 -5.57 5.91
CA ALA A 210 -20.14 -5.47 4.47
C ALA A 210 -21.03 -6.64 4.10
N ALA A 211 -20.76 -7.81 4.69
CA ALA A 211 -21.58 -9.01 4.41
C ALA A 211 -23.04 -8.75 4.78
N VAL A 212 -23.28 -8.36 6.02
CA VAL A 212 -24.60 -7.91 6.48
C VAL A 212 -25.30 -6.83 5.61
N ILE A 213 -24.56 -5.78 5.22
CA ILE A 213 -25.14 -4.71 4.37
C ILE A 213 -25.56 -5.34 3.04
N ASN A 214 -24.80 -6.32 2.59
CA ASN A 214 -25.17 -7.01 1.36
C ASN A 214 -26.28 -8.02 1.58
N GLY A 215 -26.54 -8.36 2.84
CA GLY A 215 -27.75 -9.09 3.18
C GLY A 215 -27.52 -10.51 3.69
N ASP A 216 -26.28 -10.83 4.03
CA ASP A 216 -25.97 -12.10 4.65
C ASP A 216 -25.71 -11.94 6.15
N ARG A 217 -26.33 -12.83 6.94
CA ARG A 217 -26.42 -12.78 8.42
C ARG A 217 -26.06 -14.06 9.18
N TRP A 218 -25.77 -15.14 8.47
CA TRP A 218 -25.61 -16.43 9.11
C TRP A 218 -24.58 -16.50 10.25
N PHE A 219 -23.52 -15.69 10.20
CA PHE A 219 -22.38 -15.80 11.18
C PHE A 219 -22.70 -15.09 12.50
N LEU A 220 -23.70 -14.21 12.51
CA LEU A 220 -24.13 -13.62 13.78
C LEU A 220 -24.52 -14.68 14.85
N ASN A 221 -24.55 -14.24 16.12
CA ASN A 221 -24.94 -15.05 17.28
C ASN A 221 -25.54 -14.15 18.36
N ARG A 222 -26.00 -14.70 19.48
CA ARG A 222 -26.80 -13.88 20.44
C ARG A 222 -25.95 -13.28 21.54
N PHE A 223 -24.64 -13.58 21.50
CA PHE A 223 -23.72 -13.08 22.49
C PHE A 223 -23.19 -11.66 22.29
N THR A 224 -22.61 -11.17 23.38
CA THR A 224 -21.90 -9.91 23.40
C THR A 224 -20.57 -10.29 24.06
N THR A 225 -19.66 -9.32 24.14
CA THR A 225 -18.35 -9.56 24.75
C THR A 225 -17.78 -8.25 25.33
N THR A 226 -16.91 -8.39 26.33
CA THR A 226 -16.16 -7.24 26.77
C THR A 226 -15.02 -7.15 25.81
N LEU A 227 -14.61 -5.92 25.55
CA LEU A 227 -13.41 -5.64 24.74
C LEU A 227 -12.17 -6.48 25.17
N ASN A 228 -11.91 -6.49 26.46
CA ASN A 228 -10.82 -7.27 27.03
C ASN A 228 -10.96 -8.80 26.86
N ASP A 229 -12.18 -9.34 26.98
CA ASP A 229 -12.39 -10.80 26.76
C ASP A 229 -12.16 -11.21 25.29
N PHE A 230 -12.51 -10.30 24.39
CA PHE A 230 -12.23 -10.48 22.97
C PHE A 230 -10.72 -10.55 22.73
N ASN A 231 -10.01 -9.54 23.25
CA ASN A 231 -8.56 -9.44 23.10
C ASN A 231 -7.78 -10.63 23.61
N LEU A 232 -8.24 -11.22 24.70
CA LEU A 232 -7.63 -12.45 25.20
C LEU A 232 -7.72 -13.52 24.12
N VAL A 233 -8.88 -13.59 23.46
CA VAL A 233 -9.09 -14.53 22.35
C VAL A 233 -8.30 -14.12 21.11
N ALA A 234 -8.40 -12.83 20.71
CA ALA A 234 -7.65 -12.29 19.58
C ALA A 234 -6.15 -12.62 19.64
N MET A 235 -5.48 -12.48 20.79
CA MET A 235 -4.06 -12.72 20.93
C MET A 235 -3.67 -14.18 20.63
N LYS A 236 -4.61 -15.10 20.80
CA LYS A 236 -4.28 -16.51 20.61
C LYS A 236 -4.39 -16.94 19.13
N TYR A 237 -5.09 -16.10 18.36
CA TYR A 237 -5.28 -16.36 16.94
C TYR A 237 -4.49 -15.37 16.12
N ASN A 238 -3.65 -14.56 16.77
CA ASN A 238 -2.69 -13.66 16.10
C ASN A 238 -3.38 -12.51 15.36
N TYR A 239 -4.40 -11.93 16.00
CA TYR A 239 -5.12 -10.77 15.50
C TYR A 239 -4.56 -9.59 16.27
N GLU A 240 -4.68 -8.36 15.76
CA GLU A 240 -4.22 -7.16 16.46
C GLU A 240 -5.21 -6.93 17.59
N PRO A 241 -4.78 -6.33 18.70
CA PRO A 241 -5.85 -6.10 19.68
C PRO A 241 -6.79 -5.04 19.20
N LEU A 242 -8.08 -5.25 19.45
CA LEU A 242 -9.05 -4.21 19.29
C LEU A 242 -8.95 -3.13 20.40
N THR A 243 -9.05 -1.89 19.97
CA THR A 243 -8.96 -0.76 20.87
C THR A 243 -10.26 -0.03 20.80
N GLN A 244 -10.46 0.89 21.73
CA GLN A 244 -11.59 1.79 21.69
C GLN A 244 -11.68 2.66 20.43
N ASP A 245 -10.55 3.15 19.92
CA ASP A 245 -10.57 3.99 18.68
C ASP A 245 -11.12 3.22 17.48
N HIS A 246 -10.67 1.98 17.34
CA HIS A 246 -11.18 1.07 16.33
C HIS A 246 -12.70 0.83 16.49
N VAL A 247 -13.15 0.50 17.70
CA VAL A 247 -14.59 0.43 17.97
C VAL A 247 -15.34 1.69 17.54
N ASP A 248 -14.79 2.89 17.78
CA ASP A 248 -15.50 4.13 17.41
C ASP A 248 -15.54 4.31 15.91
N ILE A 249 -14.51 3.84 15.19
CA ILE A 249 -14.46 4.04 13.73
C ILE A 249 -15.58 3.18 13.08
N LEU A 250 -15.89 2.05 13.70
CA LEU A 250 -16.95 1.17 13.22
C LEU A 250 -18.37 1.67 13.51
N GLY A 251 -18.48 2.90 14.05
CA GLY A 251 -19.76 3.57 14.39
C GLY A 251 -20.81 3.68 13.29
N PRO A 252 -20.49 4.33 12.16
CA PRO A 252 -21.50 4.41 11.08
C PRO A 252 -21.89 3.07 10.47
N LEU A 253 -21.00 2.07 10.50
CA LEU A 253 -21.40 0.77 9.99
C LEU A 253 -22.27 0.04 11.01
N SER A 254 -22.01 0.30 12.29
CA SER A 254 -22.87 -0.16 13.35
C SER A 254 -24.29 0.43 13.20
N ALA A 255 -24.32 1.74 13.03
CA ALA A 255 -25.54 2.51 12.85
C ALA A 255 -26.32 2.05 11.63
N GLN A 256 -25.63 1.75 10.52
CA GLN A 256 -26.31 1.35 9.27
C GLN A 256 -26.98 -0.05 9.32
N THR A 257 -26.39 -0.97 10.09
CA THR A 257 -26.88 -2.36 10.20
C THR A 257 -27.61 -2.68 11.53
N GLY A 258 -27.64 -1.70 12.45
CA GLY A 258 -28.10 -1.91 13.80
C GLY A 258 -27.40 -3.05 14.53
N ILE A 259 -26.20 -3.46 14.10
CA ILE A 259 -25.40 -4.38 14.95
C ILE A 259 -24.36 -3.61 15.81
N ALA A 260 -24.40 -3.82 17.12
CA ALA A 260 -23.41 -3.21 18.00
C ALA A 260 -22.05 -3.87 17.70
N VAL A 261 -21.00 -3.05 17.79
CA VAL A 261 -19.65 -3.49 17.56
C VAL A 261 -19.31 -4.71 18.39
N LEU A 262 -19.64 -4.60 19.67
CA LEU A 262 -19.25 -5.63 20.63
C LEU A 262 -20.03 -6.90 20.38
N ASP A 263 -21.23 -6.76 19.79
CA ASP A 263 -21.98 -7.95 19.31
C ASP A 263 -21.27 -8.57 18.14
N MET A 264 -20.77 -7.73 17.23
CA MET A 264 -20.00 -8.23 16.08
C MET A 264 -18.68 -8.89 16.47
N CYS A 265 -18.02 -8.37 17.51
CA CYS A 265 -16.81 -9.03 17.99
C CYS A 265 -17.13 -10.42 18.48
N ALA A 266 -18.29 -10.56 19.14
CA ALA A 266 -18.77 -11.85 19.65
C ALA A 266 -18.98 -12.79 18.50
N ALA A 267 -19.58 -12.28 17.44
CA ALA A 267 -19.65 -13.04 16.20
C ALA A 267 -18.28 -13.53 15.71
N LEU A 268 -17.29 -12.63 15.66
CA LEU A 268 -15.92 -13.03 15.26
C LEU A 268 -15.25 -14.01 16.24
N LYS A 269 -15.42 -13.73 17.51
CA LYS A 269 -14.90 -14.58 18.56
C LYS A 269 -15.32 -15.99 18.22
N GLU A 270 -16.64 -16.17 17.96
CA GLU A 270 -17.23 -17.47 17.53
C GLU A 270 -16.61 -18.07 16.23
N LEU A 271 -16.42 -17.24 15.20
CA LEU A 271 -15.82 -17.74 13.91
C LEU A 271 -14.40 -18.22 14.10
N LEU A 272 -13.66 -17.50 14.92
CA LEU A 272 -12.31 -17.90 15.21
C LEU A 272 -12.31 -19.24 15.92
N GLN A 273 -13.24 -19.42 16.84
CA GLN A 273 -13.27 -20.64 17.60
C GLN A 273 -13.75 -21.86 16.83
N ASN A 274 -14.91 -21.74 16.16
CA ASN A 274 -15.54 -22.90 15.51
C ASN A 274 -15.33 -23.07 13.99
N GLY A 275 -14.56 -22.17 13.36
CA GLY A 275 -14.42 -22.18 11.91
C GLY A 275 -15.70 -21.68 11.23
N MET A 276 -15.74 -21.80 9.91
CA MET A 276 -16.87 -21.33 9.11
C MET A 276 -17.90 -22.43 8.82
N ASN A 277 -17.54 -23.68 9.14
CA ASN A 277 -18.25 -24.87 8.64
C ASN A 277 -18.25 -24.88 7.10
N GLY A 278 -17.05 -24.92 6.48
CA GLY A 278 -16.97 -24.91 5.02
C GLY A 278 -18.06 -24.08 4.32
N ARG A 279 -18.29 -22.87 4.82
CA ARG A 279 -19.23 -21.92 4.21
C ARG A 279 -18.50 -20.62 3.85
N THR A 280 -19.23 -19.71 3.20
CA THR A 280 -18.57 -18.52 2.70
C THR A 280 -19.16 -17.23 3.22
N ILE A 281 -18.33 -16.20 3.29
CA ILE A 281 -18.81 -14.84 3.57
C ILE A 281 -18.36 -14.04 2.40
N LEU A 282 -19.26 -13.32 1.79
CA LEU A 282 -19.01 -12.57 0.57
C LEU A 282 -18.18 -13.30 -0.46
N GLY A 283 -18.42 -14.57 -0.63
CA GLY A 283 -17.59 -15.34 -1.55
C GLY A 283 -16.38 -16.04 -0.95
N SER A 284 -15.94 -15.60 0.22
CA SER A 284 -14.69 -16.11 0.79
C SER A 284 -14.90 -17.24 1.82
N THR A 285 -14.02 -18.23 1.80
CA THR A 285 -14.01 -19.29 2.77
C THR A 285 -13.06 -18.93 3.91
N ILE A 286 -12.51 -17.71 3.85
CA ILE A 286 -11.65 -17.22 4.93
C ILE A 286 -11.98 -15.76 5.26
N LEU A 287 -11.44 -15.31 6.40
CA LEU A 287 -11.76 -14.02 6.96
C LEU A 287 -10.79 -13.01 6.36
N GLU A 288 -11.35 -11.93 5.85
CA GLU A 288 -10.72 -11.09 4.86
C GLU A 288 -10.27 -9.80 5.52
N ASP A 289 -8.99 -9.46 5.45
CA ASP A 289 -8.54 -8.29 6.18
C ASP A 289 -7.94 -7.17 5.38
N GLU A 290 -8.30 -7.03 4.13
CA GLU A 290 -7.72 -5.95 3.31
C GLU A 290 -8.74 -4.92 2.79
N PHE A 291 -9.92 -4.86 3.43
CA PHE A 291 -10.83 -3.73 3.31
C PHE A 291 -10.98 -3.02 4.66
N THR A 292 -10.73 -1.72 4.65
CA THR A 292 -10.87 -0.86 5.80
C THR A 292 -12.36 -0.56 5.94
N PRO A 293 -12.75 0.09 7.06
CA PRO A 293 -14.12 0.61 7.17
C PRO A 293 -14.43 1.61 6.08
N PHE A 294 -13.48 2.49 5.76
CA PHE A 294 -13.72 3.43 4.69
C PHE A 294 -13.92 2.66 3.37
N ASP A 295 -13.17 1.57 3.15
CA ASP A 295 -13.31 0.85 1.87
C ASP A 295 -14.71 0.28 1.70
N VAL A 296 -15.30 -0.09 2.83
CA VAL A 296 -16.65 -0.61 2.85
C VAL A 296 -17.71 0.48 2.64
N VAL A 297 -17.56 1.65 3.26
CA VAL A 297 -18.55 2.71 3.01
C VAL A 297 -18.60 3.15 1.51
N ARG A 298 -17.43 3.30 0.89
CA ARG A 298 -17.29 3.72 -0.50
C ARG A 298 -17.89 2.72 -1.49
N GLN A 299 -17.60 1.44 -1.31
CA GLN A 299 -18.05 0.42 -2.25
C GLN A 299 -19.52 0.04 -2.03
N CYS A 300 -19.91 -0.12 -0.76
CA CYS A 300 -21.25 -0.62 -0.44
C CYS A 300 -22.34 0.41 -0.55
N SER A 301 -23.56 -0.12 -0.61
CA SER A 301 -24.75 0.68 -0.69
C SER A 301 -24.82 1.38 0.65
N GLY A 302 -25.31 2.61 0.63
CA GLY A 302 -25.67 3.33 1.86
C GLY A 302 -26.95 2.79 2.50
N VAL A 303 -27.68 1.92 1.79
CA VAL A 303 -28.92 1.27 2.27
C VAL A 303 -28.67 -0.25 2.48
N THR A 304 -28.91 -0.74 3.72
CA THR A 304 -28.82 -2.18 4.04
C THR A 304 -29.95 -2.95 3.35
N PHE A 305 -29.60 -4.11 2.77
CA PHE A 305 -30.58 -5.11 2.36
C PHE A 305 -30.99 -5.92 3.60
N GLN A 306 -32.08 -5.46 4.24
CA GLN A 306 -32.54 -6.00 5.53
C GLN A 306 -33.25 -7.35 5.48
C ACE B 1 18.66 -14.22 1.61
O ACE B 1 18.13 -14.03 2.72
CH3 ACE B 1 19.04 -15.61 1.15
N GLU B 2 18.65 -13.32 0.67
CA GLU B 2 19.15 -11.92 0.73
C GLU B 2 18.01 -10.86 0.66
N SER B 3 18.16 -9.88 -0.24
CA SER B 3 17.13 -8.86 -0.52
C SER B 3 17.34 -8.26 -1.93
N THR B 4 16.24 -7.98 -2.62
CA THR B 4 16.27 -7.66 -4.07
C THR B 4 15.67 -6.28 -4.39
N LEU B 5 16.54 -5.31 -4.65
CA LEU B 5 16.12 -3.99 -5.11
C LEU B 5 15.90 -4.02 -6.64
C ECC B 6 13.62 -2.49 -8.96
N ECC B 6 14.79 -3.68 -7.19
O ECC B 6 14.04 -2.44 -10.33
CA ECC B 6 13.92 -3.86 -8.36
CB ECC B 6 12.62 -4.62 -8.01
CD ECC B 6 11.45 -6.60 -7.11
CG ECC B 6 12.80 -5.98 -7.36
OE1 ECC B 6 10.70 -6.09 -6.34
NE2 ECC B 6 11.14 -7.73 -7.75
O1 MES C . 13.13 6.02 9.70
C2 MES C . 11.98 6.28 10.51
C3 MES C . 10.73 5.77 9.80
N4 MES C . 11.01 4.35 9.57
C5 MES C . 12.17 3.99 8.77
C6 MES C . 13.37 4.62 9.46
C7 MES C . 10.22 3.24 10.14
C8 MES C . 8.84 3.65 10.69
S MES C . 7.66 2.44 10.64
O1S MES C . 8.70 1.49 11.11
O2S MES C . 7.46 2.78 9.20
O3S MES C . 6.91 3.23 11.64
#